data_3R0S
#
_entry.id   3R0S
#
_cell.length_a   98.959
_cell.length_b   98.959
_cell.length_c   157.463
_cell.angle_alpha   90.000
_cell.angle_beta   90.000
_cell.angle_gamma   120.000
#
_symmetry.space_group_name_H-M   'H 3 2'
#
loop_
_entity.id
_entity.type
_entity.pdbx_description
1 polymer 'Acyl-[acyl-carrier-protein]--UDP-N-acetylglucosamine O-acyltransferase'
2 non-polymer 'CHLORIDE ION'
3 water water
#
_entity_poly.entity_id   1
_entity_poly.type   'polypeptide(L)'
_entity_poly.pdbx_seq_one_letter_code
;SNA(MSE)KKIHPSAVIEEGAQLGDDVVIEAYAYVSKDAKIGNNVVIKQGARILSDTTIGDHSRVFSYAIVGDIPQDISY
KEEQKSGVVIGKNATIREFATINSGTAKGDGFTRIGDNAFI(MSE)AYCHIAHDCLLGNNIILANNATLAGHVELGDFTV
VGGLTPIHQFVKVGEGC(MSE)IAGASALSQDIVPFCLAEGNRASIRSLNLVGIRRRFDKDEVDRLSRAFKTLFRQGDLK
ENAKNLLENQESENVKK(MSE)CHFILETKRGIPVYRGKNNA
;
_entity_poly.pdbx_strand_id   A
#
# COMPACT_ATOMS: atom_id res chain seq x y z
N LYS A 6 -14.73 14.37 -24.63
CA LYS A 6 -13.90 13.64 -23.61
C LYS A 6 -14.65 13.39 -22.29
N ILE A 7 -15.57 14.27 -21.92
CA ILE A 7 -16.50 13.99 -20.81
C ILE A 7 -17.87 13.59 -21.36
N HIS A 8 -18.33 12.40 -21.00
CA HIS A 8 -19.62 11.92 -21.49
C HIS A 8 -20.69 12.75 -20.78
N PRO A 9 -21.76 13.14 -21.51
CA PRO A 9 -22.89 13.88 -20.93
C PRO A 9 -23.55 13.16 -19.73
N SER A 10 -23.49 11.85 -19.73
CA SER A 10 -24.04 11.05 -18.65
C SER A 10 -23.22 11.12 -17.36
N ALA A 11 -21.97 11.53 -17.44
CA ALA A 11 -21.17 11.70 -16.27
C ALA A 11 -21.75 12.81 -15.37
N VAL A 12 -21.74 12.55 -14.07
CA VAL A 12 -22.14 13.46 -13.04
C VAL A 12 -20.90 14.08 -12.39
N ILE A 13 -20.61 15.32 -12.77
CA ILE A 13 -19.48 16.11 -12.30
C ILE A 13 -20.15 17.23 -11.51
N GLU A 14 -20.01 17.21 -10.20
CA GLU A 14 -20.70 18.17 -9.32
CA GLU A 14 -20.72 18.19 -9.38
C GLU A 14 -19.99 19.51 -9.54
N GLU A 15 -20.74 20.60 -9.58
CA GLU A 15 -20.09 21.92 -9.60
C GLU A 15 -19.12 22.01 -8.43
N GLY A 16 -17.87 22.43 -8.72
CA GLY A 16 -16.77 22.45 -7.75
C GLY A 16 -15.65 21.46 -8.08
N ALA A 17 -15.97 20.36 -8.74
CA ALA A 17 -14.94 19.44 -9.19
C ALA A 17 -13.85 20.19 -10.04
N GLN A 18 -12.59 19.95 -9.70
CA GLN A 18 -11.46 20.46 -10.48
C GLN A 18 -10.88 19.35 -11.39
N LEU A 19 -10.95 19.57 -12.69
CA LEU A 19 -10.46 18.63 -13.69
C LEU A 19 -9.28 19.21 -14.46
N GLY A 20 -8.19 18.46 -14.59
CA GLY A 20 -7.02 18.89 -15.36
C GLY A 20 -7.21 18.74 -16.88
N ASP A 21 -6.11 18.87 -17.60
CA ASP A 21 -6.07 18.76 -19.04
C ASP A 21 -6.27 17.33 -19.54
N ASP A 22 -7.01 17.18 -20.65
CA ASP A 22 -7.05 15.91 -21.37
C ASP A 22 -7.57 14.79 -20.46
N VAL A 23 -8.58 15.11 -19.69
CA VAL A 23 -9.19 14.14 -18.81
C VAL A 23 -10.36 13.51 -19.60
N VAL A 24 -10.58 12.23 -19.32
CA VAL A 24 -11.63 11.45 -19.94
C VAL A 24 -12.49 10.88 -18.82
N ILE A 25 -13.77 11.28 -18.80
CA ILE A 25 -14.72 10.77 -17.85
C ILE A 25 -15.76 10.07 -18.71
N GLU A 26 -15.89 8.76 -18.53
CA GLU A 26 -16.80 7.96 -19.30
C GLU A 26 -18.19 8.05 -18.72
N ALA A 27 -19.14 7.48 -19.44
CA ALA A 27 -20.53 7.49 -19.09
C ALA A 27 -20.78 7.07 -17.66
N TYR A 28 -21.63 7.79 -16.97
CA TYR A 28 -22.16 7.34 -15.69
C TYR A 28 -21.14 7.33 -14.55
N ALA A 29 -19.97 7.88 -14.77
CA ALA A 29 -19.00 8.09 -13.71
C ALA A 29 -19.47 9.26 -12.85
N TYR A 30 -18.79 9.48 -11.71
CA TYR A 30 -19.19 10.47 -10.72
C TYR A 30 -17.97 11.12 -10.17
N VAL A 31 -17.95 12.45 -10.17
CA VAL A 31 -16.88 13.21 -9.55
C VAL A 31 -17.52 14.25 -8.63
N SER A 32 -16.99 14.34 -7.42
CA SER A 32 -17.56 15.19 -6.39
C SER A 32 -17.11 16.68 -6.51
N LYS A 33 -17.90 17.53 -5.88
CA LYS A 33 -17.62 18.93 -5.75
C LYS A 33 -16.28 19.27 -5.13
N ASP A 34 -15.69 18.35 -4.34
CA ASP A 34 -14.40 18.62 -3.73
C ASP A 34 -13.28 17.80 -4.35
N ALA A 35 -13.60 17.06 -5.41
CA ALA A 35 -12.62 16.21 -6.09
C ALA A 35 -11.68 17.03 -6.99
N LYS A 36 -10.45 16.52 -7.12
CA LYS A 36 -9.38 17.13 -7.91
C LYS A 36 -8.79 16.04 -8.81
N ILE A 37 -9.11 16.12 -10.10
CA ILE A 37 -8.69 15.10 -11.03
C ILE A 37 -7.56 15.68 -11.83
N GLY A 38 -6.43 14.98 -11.78
CA GLY A 38 -5.20 15.47 -12.38
C GLY A 38 -5.28 15.43 -13.90
N ASN A 39 -4.20 15.87 -14.51
CA ASN A 39 -4.06 15.83 -15.97
C ASN A 39 -3.94 14.42 -16.50
N ASN A 40 -4.56 14.18 -17.65
CA ASN A 40 -4.42 12.93 -18.41
C ASN A 40 -4.90 11.72 -17.65
N VAL A 41 -5.99 11.90 -16.91
CA VAL A 41 -6.56 10.87 -16.10
C VAL A 41 -7.76 10.30 -16.85
N VAL A 42 -8.04 9.01 -16.62
CA VAL A 42 -9.15 8.35 -17.20
C VAL A 42 -10.00 7.82 -16.05
N ILE A 43 -11.27 8.21 -16.03
CA ILE A 43 -12.25 7.69 -15.11
C ILE A 43 -13.26 6.94 -16.00
N LYS A 44 -13.32 5.63 -15.83
CA LYS A 44 -14.14 4.75 -16.66
C LYS A 44 -15.53 4.63 -16.14
N GLN A 45 -16.37 4.04 -16.95
CA GLN A 45 -17.77 4.08 -16.73
C GLN A 45 -18.10 3.65 -15.31
N GLY A 46 -18.83 4.52 -14.64
CA GLY A 46 -19.43 4.18 -13.38
C GLY A 46 -18.61 4.37 -12.15
N ALA A 47 -17.33 4.68 -12.34
CA ALA A 47 -16.46 4.86 -11.22
C ALA A 47 -16.84 6.16 -10.54
N ARG A 48 -16.56 6.22 -9.24
CA ARG A 48 -16.97 7.32 -8.40
C ARG A 48 -15.80 7.83 -7.57
N ILE A 49 -15.50 9.10 -7.78
CA ILE A 49 -14.52 9.81 -7.03
C ILE A 49 -15.31 10.72 -6.08
N LEU A 50 -15.21 10.42 -4.79
CA LEU A 50 -16.06 10.97 -3.79
C LEU A 50 -15.22 11.71 -2.78
N SER A 51 -15.88 12.64 -2.11
CA SER A 51 -15.32 13.41 -1.02
C SER A 51 -14.16 14.33 -1.45
N ASP A 52 -13.29 14.63 -0.53
CA ASP A 52 -12.20 15.53 -0.79
C ASP A 52 -11.02 14.71 -1.28
N THR A 53 -11.20 14.15 -2.46
CA THR A 53 -10.26 13.19 -3.00
C THR A 53 -9.44 13.74 -4.19
N THR A 54 -8.14 13.48 -4.16
CA THR A 54 -7.22 13.84 -5.21
C THR A 54 -6.73 12.61 -6.01
N ILE A 55 -6.88 12.65 -7.35
CA ILE A 55 -6.34 11.63 -8.26
C ILE A 55 -5.25 12.27 -9.14
N GLY A 56 -4.00 11.83 -8.91
CA GLY A 56 -2.88 12.41 -9.59
C GLY A 56 -2.85 12.04 -11.06
N ASP A 57 -2.02 12.78 -11.80
CA ASP A 57 -1.93 12.72 -13.22
C ASP A 57 -1.62 11.35 -13.76
N HIS A 58 -2.16 11.09 -14.95
CA HIS A 58 -1.93 9.86 -15.71
C HIS A 58 -2.41 8.64 -14.93
N SER A 59 -3.38 8.83 -14.04
CA SER A 59 -4.03 7.70 -13.39
C SER A 59 -5.21 7.19 -14.22
N ARG A 60 -5.53 5.90 -14.05
CA ARG A 60 -6.62 5.23 -14.68
C ARG A 60 -7.41 4.50 -13.60
N VAL A 61 -8.67 4.93 -13.46
CA VAL A 61 -9.66 4.35 -12.61
C VAL A 61 -10.69 3.62 -13.45
N PHE A 62 -10.77 2.32 -13.22
CA PHE A 62 -11.49 1.41 -14.07
C PHE A 62 -12.95 1.31 -13.68
N SER A 63 -13.73 0.52 -14.43
CA SER A 63 -15.17 0.62 -14.31
C SER A 63 -15.59 0.32 -12.90
N TYR A 64 -16.39 1.19 -12.34
CA TYR A 64 -17.11 0.98 -11.05
C TYR A 64 -16.24 1.05 -9.77
N ALA A 65 -14.97 1.40 -9.88
CA ALA A 65 -14.11 1.58 -8.75
C ALA A 65 -14.58 2.81 -7.99
N ILE A 66 -14.53 2.72 -6.66
CA ILE A 66 -15.07 3.71 -5.73
C ILE A 66 -13.90 4.19 -4.89
N VAL A 67 -13.59 5.50 -4.97
CA VAL A 67 -12.51 6.15 -4.23
C VAL A 67 -13.13 7.32 -3.47
N GLY A 68 -13.06 7.25 -2.15
CA GLY A 68 -13.45 8.33 -1.27
C GLY A 68 -14.74 8.14 -0.50
N ASP A 69 -15.30 6.92 -0.59
CA ASP A 69 -16.46 6.54 0.21
C ASP A 69 -16.12 6.64 1.68
N ILE A 70 -17.13 6.74 2.51
CA ILE A 70 -16.89 6.92 3.89
C ILE A 70 -16.36 5.61 4.46
N PRO A 71 -15.62 5.68 5.58
CA PRO A 71 -15.10 4.45 6.21
C PRO A 71 -16.21 3.47 6.55
N GLN A 72 -15.88 2.18 6.53
CA GLN A 72 -16.77 1.11 7.06
C GLN A 72 -16.66 1.02 8.60
N ASP A 73 -17.57 1.70 9.31
CA ASP A 73 -17.41 1.84 10.75
C ASP A 73 -18.71 2.25 11.26
N ILE A 74 -19.03 1.71 12.41
CA ILE A 74 -20.31 1.94 13.01
C ILE A 74 -20.29 3.38 13.54
N SER A 75 -19.28 3.69 14.36
CA SER A 75 -19.16 5.02 15.02
C SER A 75 -18.59 6.04 14.03
N TYR A 76 -19.48 6.88 13.48
CA TYR A 76 -19.13 7.78 12.39
C TYR A 76 -20.25 8.81 12.16
N LYS A 81 -13.69 17.85 6.90
CA LYS A 81 -12.73 17.54 5.83
C LYS A 81 -12.13 16.10 5.84
N SER A 82 -12.30 15.38 4.73
CA SER A 82 -12.17 13.92 4.70
C SER A 82 -12.00 13.45 3.29
N GLY A 83 -11.06 12.53 3.04
CA GLY A 83 -10.94 12.02 1.69
C GLY A 83 -9.79 11.07 1.47
N VAL A 84 -9.45 10.91 0.20
CA VAL A 84 -8.39 10.04 -0.22
C VAL A 84 -7.49 10.81 -1.17
N VAL A 85 -6.17 10.64 -1.01
CA VAL A 85 -5.19 11.23 -1.92
C VAL A 85 -4.44 10.09 -2.59
N ILE A 86 -4.51 10.01 -3.92
CA ILE A 86 -3.80 8.98 -4.69
C ILE A 86 -2.73 9.67 -5.56
N GLY A 87 -1.46 9.30 -5.45
CA GLY A 87 -0.42 9.82 -6.35
C GLY A 87 -0.58 9.59 -7.88
N LYS A 88 0.46 9.93 -8.61
CA LYS A 88 0.45 9.82 -10.06
C LYS A 88 0.58 8.39 -10.51
N ASN A 89 0.13 8.20 -11.75
CA ASN A 89 0.22 6.95 -12.47
CA ASN A 89 0.33 6.94 -12.44
C ASN A 89 -0.35 5.74 -11.72
N ALA A 90 -1.50 5.94 -11.07
CA ALA A 90 -2.18 4.86 -10.43
C ALA A 90 -3.02 4.08 -11.45
N THR A 91 -3.10 2.78 -11.24
CA THR A 91 -4.05 1.92 -11.88
C THR A 91 -4.95 1.33 -10.81
N ILE A 92 -6.24 1.67 -10.83
CA ILE A 92 -7.20 1.13 -9.93
C ILE A 92 -8.23 0.37 -10.79
N ARG A 93 -8.19 -0.96 -10.65
CA ARG A 93 -9.03 -1.84 -11.37
C ARG A 93 -10.43 -1.88 -10.79
N GLU A 94 -11.28 -2.66 -11.45
CA GLU A 94 -12.71 -2.61 -11.23
C GLU A 94 -13.15 -3.00 -9.84
N PHE A 95 -14.17 -2.28 -9.33
CA PHE A 95 -14.83 -2.62 -8.07
C PHE A 95 -13.95 -2.42 -6.78
N ALA A 96 -12.89 -1.68 -6.91
CA ALA A 96 -12.01 -1.41 -5.78
C ALA A 96 -12.69 -0.43 -4.88
N THR A 97 -12.49 -0.56 -3.57
CA THR A 97 -13.10 0.32 -2.60
C THR A 97 -11.96 0.91 -1.76
N ILE A 98 -11.64 2.17 -2.00
CA ILE A 98 -10.66 2.93 -1.24
C ILE A 98 -11.37 4.03 -0.43
N ASN A 99 -11.51 3.78 0.88
CA ASN A 99 -12.32 4.57 1.76
C ASN A 99 -11.52 5.74 2.31
N SER A 100 -12.22 6.79 2.71
CA SER A 100 -11.59 8.01 3.21
C SER A 100 -11.08 7.78 4.62
N GLY A 101 -10.31 8.74 5.14
CA GLY A 101 -9.81 8.66 6.53
C GLY A 101 -10.81 9.23 7.54
N THR A 102 -10.37 9.27 8.80
CA THR A 102 -11.20 9.66 9.93
C THR A 102 -10.43 10.70 10.79
N ALA A 103 -11.08 11.28 11.78
CA ALA A 103 -10.35 12.13 12.73
C ALA A 103 -9.39 11.38 13.69
N LYS A 104 -9.31 10.04 13.62
CA LYS A 104 -8.29 9.29 14.40
CA LYS A 104 -8.32 9.30 14.40
C LYS A 104 -6.98 9.33 13.65
N GLY A 105 -7.04 9.65 12.36
CA GLY A 105 -5.84 10.00 11.60
C GLY A 105 -5.97 11.49 11.35
N ASP A 106 -5.94 11.91 10.09
CA ASP A 106 -6.20 13.32 9.79
C ASP A 106 -7.31 13.48 8.76
N GLY A 107 -8.13 12.44 8.61
CA GLY A 107 -9.24 12.50 7.66
C GLY A 107 -8.85 11.94 6.30
N PHE A 108 -7.58 11.57 6.10
CA PHE A 108 -7.15 11.13 4.78
C PHE A 108 -6.53 9.75 4.71
N THR A 109 -6.94 9.01 3.68
CA THR A 109 -6.27 7.79 3.26
C THR A 109 -5.33 8.19 2.10
N ARG A 110 -4.08 7.76 2.14
CA ARG A 110 -3.08 8.25 1.19
C ARG A 110 -2.38 7.08 0.49
N ILE A 111 -2.26 7.20 -0.84
CA ILE A 111 -1.56 6.26 -1.67
C ILE A 111 -0.53 6.99 -2.54
N GLY A 112 0.71 6.48 -2.57
CA GLY A 112 1.77 7.14 -3.34
C GLY A 112 1.59 6.92 -4.85
N ASP A 113 2.67 7.13 -5.59
CA ASP A 113 2.65 7.01 -7.03
C ASP A 113 2.80 5.57 -7.45
N ASN A 114 2.44 5.33 -8.71
CA ASN A 114 2.69 4.06 -9.38
C ASN A 114 1.97 2.87 -8.75
N ALA A 115 0.86 3.15 -8.08
CA ALA A 115 0.06 2.09 -7.47
C ALA A 115 -0.57 1.23 -8.56
N PHE A 116 -0.52 -0.08 -8.34
CA PHE A 116 -1.26 -1.02 -9.17
C PHE A 116 -2.19 -1.88 -8.30
N ILE A 117 -3.47 -1.54 -8.35
CA ILE A 117 -4.50 -2.09 -7.46
C ILE A 117 -5.55 -2.80 -8.30
N ALA A 119 -8.58 -5.88 -9.19
CA ALA A 119 -10.05 -5.84 -8.99
C ALA A 119 -10.42 -6.30 -7.59
N TYR A 120 -11.50 -5.69 -7.08
CA TYR A 120 -12.11 -5.99 -5.78
C TYR A 120 -11.21 -5.65 -4.58
N CYS A 121 -10.12 -4.95 -4.79
CA CYS A 121 -9.23 -4.62 -3.71
C CYS A 121 -9.84 -3.58 -2.80
N HIS A 122 -9.59 -3.74 -1.50
CA HIS A 122 -10.14 -2.87 -0.51
C HIS A 122 -9.03 -2.26 0.32
N ILE A 123 -9.03 -0.93 0.35
CA ILE A 123 -8.15 -0.16 1.22
C ILE A 123 -9.00 0.64 2.18
N ALA A 124 -8.88 0.31 3.47
CA ALA A 124 -9.65 0.87 4.54
C ALA A 124 -9.18 2.24 5.00
N HIS A 125 -10.03 2.90 5.76
CA HIS A 125 -9.72 4.24 6.29
C HIS A 125 -8.34 4.41 6.89
N ASP A 126 -7.73 5.54 6.55
CA ASP A 126 -6.47 6.03 7.15
C ASP A 126 -5.27 5.15 6.81
N CYS A 127 -5.37 4.31 5.77
CA CYS A 127 -4.17 3.62 5.25
C CYS A 127 -3.15 4.61 4.67
N LEU A 128 -1.91 4.16 4.55
CA LEU A 128 -0.78 4.93 4.01
C LEU A 128 0.05 3.99 3.23
N LEU A 129 -0.04 4.10 1.91
CA LEU A 129 0.67 3.24 1.04
C LEU A 129 1.73 4.07 0.38
N GLY A 130 2.95 3.52 0.24
CA GLY A 130 4.03 4.21 -0.46
C GLY A 130 3.86 4.05 -1.98
N ASN A 131 4.99 4.09 -2.67
CA ASN A 131 5.06 4.08 -4.11
C ASN A 131 5.27 2.68 -4.60
N ASN A 132 4.80 2.46 -5.82
CA ASN A 132 4.99 1.21 -6.57
C ASN A 132 4.48 0.00 -5.80
N ILE A 133 3.38 0.21 -5.10
CA ILE A 133 2.66 -0.87 -4.41
C ILE A 133 1.84 -1.66 -5.45
N ILE A 134 1.74 -2.97 -5.23
CA ILE A 134 0.93 -3.81 -6.07
C ILE A 134 0.06 -4.58 -5.10
N LEU A 135 -1.27 -4.48 -5.32
CA LEU A 135 -2.24 -5.27 -4.64
C LEU A 135 -2.99 -6.16 -5.69
N ALA A 136 -2.92 -7.46 -5.52
CA ALA A 136 -3.57 -8.41 -6.40
C ALA A 136 -5.03 -8.54 -6.01
N ASN A 137 -5.80 -9.29 -6.77
CA ASN A 137 -7.26 -9.35 -6.60
C ASN A 137 -7.70 -9.68 -5.18
N ASN A 138 -8.65 -8.89 -4.68
CA ASN A 138 -9.23 -9.03 -3.37
C ASN A 138 -8.27 -8.84 -2.16
N ALA A 139 -7.06 -8.40 -2.32
CA ALA A 139 -6.27 -8.04 -1.18
C ALA A 139 -7.06 -6.96 -0.41
N THR A 140 -7.07 -7.10 0.92
CA THR A 140 -7.81 -6.23 1.79
C THR A 140 -6.95 -5.66 2.92
N LEU A 141 -6.81 -4.37 2.97
CA LEU A 141 -6.15 -3.67 4.05
C LEU A 141 -7.16 -3.07 5.04
N ALA A 142 -7.12 -3.51 6.28
CA ALA A 142 -7.95 -2.95 7.33
C ALA A 142 -7.42 -1.57 7.72
N GLY A 143 -8.02 -0.93 8.73
CA GLY A 143 -7.78 0.48 9.02
C GLY A 143 -6.34 0.75 9.46
N HIS A 144 -5.74 1.82 8.96
CA HIS A 144 -4.41 2.33 9.47
C HIS A 144 -3.28 1.39 9.07
N VAL A 145 -3.47 0.63 8.00
CA VAL A 145 -2.37 -0.18 7.55
C VAL A 145 -1.44 0.68 6.73
N GLU A 146 -0.15 0.47 6.94
CA GLU A 146 0.91 1.14 6.22
CA GLU A 146 0.88 1.14 6.15
C GLU A 146 1.73 0.11 5.41
N LEU A 147 1.98 0.42 4.15
CA LEU A 147 2.76 -0.42 3.26
C LEU A 147 3.87 0.41 2.72
N GLY A 148 5.12 0.01 2.93
CA GLY A 148 6.27 0.68 2.29
C GLY A 148 6.37 0.49 0.78
N ASP A 149 7.19 1.33 0.17
CA ASP A 149 7.41 1.36 -1.28
C ASP A 149 7.73 -0.05 -1.74
N PHE A 150 7.22 -0.38 -2.93
CA PHE A 150 7.45 -1.67 -3.61
C PHE A 150 6.89 -2.92 -2.96
N THR A 151 6.10 -2.79 -1.92
CA THR A 151 5.44 -3.95 -1.34
C THR A 151 4.37 -4.54 -2.27
N VAL A 152 4.34 -5.86 -2.34
CA VAL A 152 3.33 -6.60 -3.02
C VAL A 152 2.50 -7.39 -2.04
N VAL A 153 1.17 -7.35 -2.21
CA VAL A 153 0.27 -8.19 -1.43
C VAL A 153 -0.51 -9.05 -2.38
N GLY A 154 -0.32 -10.35 -2.30
CA GLY A 154 -1.01 -11.25 -3.18
C GLY A 154 -2.50 -11.36 -2.89
N GLY A 155 -3.11 -12.20 -3.71
CA GLY A 155 -4.55 -12.16 -3.85
C GLY A 155 -5.27 -12.87 -2.74
N LEU A 156 -6.43 -12.32 -2.37
CA LEU A 156 -7.29 -12.88 -1.31
C LEU A 156 -6.62 -12.86 0.08
N THR A 157 -5.67 -11.94 0.29
CA THR A 157 -5.02 -11.74 1.57
C THR A 157 -5.44 -10.45 2.31
N PRO A 158 -5.99 -10.59 3.52
CA PRO A 158 -6.31 -9.52 4.43
C PRO A 158 -5.16 -9.24 5.39
N ILE A 159 -4.95 -7.97 5.61
CA ILE A 159 -4.00 -7.44 6.56
C ILE A 159 -4.77 -6.74 7.70
N HIS A 160 -4.47 -7.18 8.94
CA HIS A 160 -5.06 -6.67 10.16
C HIS A 160 -4.80 -5.18 10.38
N GLN A 161 -5.76 -4.49 11.00
CA GLN A 161 -5.64 -3.03 11.17
C GLN A 161 -4.35 -2.67 11.93
N PHE A 162 -3.77 -1.50 11.63
CA PHE A 162 -2.53 -0.97 12.26
C PHE A 162 -1.24 -1.74 11.94
N VAL A 163 -1.31 -2.73 11.05
CA VAL A 163 -0.13 -3.43 10.59
C VAL A 163 0.70 -2.56 9.69
N LYS A 164 2.01 -2.66 9.89
CA LYS A 164 3.01 -2.07 9.02
C LYS A 164 3.77 -3.13 8.26
N VAL A 165 3.88 -2.92 6.96
CA VAL A 165 4.70 -3.76 6.12
C VAL A 165 5.78 -2.87 5.57
N GLY A 166 7.04 -3.26 5.73
CA GLY A 166 8.16 -2.44 5.29
C GLY A 166 8.27 -2.42 3.78
N GLU A 167 9.17 -1.59 3.30
CA GLU A 167 9.49 -1.53 1.88
C GLU A 167 9.87 -2.92 1.35
N GLY A 168 9.44 -3.18 0.10
CA GLY A 168 9.95 -4.27 -0.67
C GLY A 168 9.55 -5.64 -0.17
N CYS A 169 8.55 -5.67 0.69
CA CYS A 169 8.00 -6.92 1.15
C CYS A 169 7.15 -7.65 0.14
N ILE A 171 3.92 -10.04 0.62
CA ILE A 171 2.92 -10.78 1.39
C ILE A 171 2.14 -11.68 0.44
N ALA A 172 2.34 -12.98 0.57
CA ALA A 172 1.84 -13.95 -0.36
C ALA A 172 0.29 -14.00 -0.37
N GLY A 173 -0.25 -14.58 -1.42
CA GLY A 173 -1.68 -14.61 -1.61
C GLY A 173 -2.17 -15.75 -0.73
N ALA A 174 -3.47 -15.71 -0.45
CA ALA A 174 -4.21 -16.76 0.25
C ALA A 174 -3.57 -16.97 1.60
N SER A 175 -3.21 -15.86 2.19
CA SER A 175 -2.67 -15.76 3.53
C SER A 175 -3.46 -14.74 4.39
N ALA A 176 -3.09 -14.55 5.67
CA ALA A 176 -3.74 -13.56 6.56
C ALA A 176 -2.74 -12.97 7.56
N LEU A 177 -2.54 -11.66 7.51
CA LEU A 177 -1.45 -10.96 8.20
C LEU A 177 -1.93 -10.11 9.38
N SER A 178 -1.37 -10.44 10.55
CA SER A 178 -1.66 -9.79 11.83
C SER A 178 -0.52 -8.97 12.43
N GLN A 179 0.74 -9.23 12.04
CA GLN A 179 1.87 -8.55 12.67
C GLN A 179 2.66 -7.78 11.65
N ASP A 180 3.65 -7.02 12.13
CA ASP A 180 4.48 -6.15 11.28
C ASP A 180 5.51 -6.98 10.48
N ILE A 181 5.80 -6.59 9.24
CA ILE A 181 6.73 -7.31 8.39
C ILE A 181 7.93 -6.48 8.02
N VAL A 182 9.11 -6.96 8.47
CA VAL A 182 10.39 -6.30 8.25
C VAL A 182 10.61 -6.06 6.76
N PRO A 183 11.30 -4.97 6.40
CA PRO A 183 11.50 -4.68 4.99
C PRO A 183 12.19 -5.83 4.22
N PHE A 184 11.82 -5.97 2.93
CA PHE A 184 12.43 -6.93 2.01
C PHE A 184 12.16 -8.40 2.32
N CYS A 185 11.24 -8.64 3.23
CA CYS A 185 10.91 -9.99 3.60
C CYS A 185 9.66 -10.50 2.88
N LEU A 186 9.59 -11.83 2.76
CA LEU A 186 8.46 -12.53 2.26
C LEU A 186 7.71 -13.17 3.44
N ALA A 187 6.41 -12.93 3.51
CA ALA A 187 5.58 -13.45 4.59
C ALA A 187 4.45 -14.25 3.97
N GLU A 188 4.11 -15.34 4.65
CA GLU A 188 3.06 -16.18 4.18
C GLU A 188 2.46 -17.00 5.33
N GLY A 189 1.23 -17.41 5.12
CA GLY A 189 0.50 -18.23 6.06
C GLY A 189 -0.68 -17.51 6.68
N ASN A 190 -1.26 -18.18 7.65
CA ASN A 190 -2.40 -17.68 8.40
C ASN A 190 -2.34 -18.28 9.78
N ARG A 191 -1.87 -17.56 10.80
CA ARG A 191 -1.34 -16.18 10.65
CA ARG A 191 -1.31 -16.19 10.71
C ARG A 191 -0.01 -16.21 9.92
N ALA A 192 0.18 -15.18 9.10
CA ALA A 192 1.28 -15.13 8.20
C ALA A 192 2.56 -14.75 8.92
N SER A 193 3.64 -15.38 8.48
CA SER A 193 4.95 -15.25 9.11
C SER A 193 6.07 -15.15 8.08
N ILE A 194 7.14 -14.47 8.46
CA ILE A 194 8.30 -14.33 7.63
C ILE A 194 8.96 -15.69 7.37
N ARG A 195 9.04 -16.04 6.08
CA ARG A 195 9.60 -17.31 5.58
C ARG A 195 10.99 -17.15 5.01
N SER A 196 11.30 -15.98 4.48
CA SER A 196 12.50 -15.78 3.73
C SER A 196 12.53 -14.33 3.31
N LEU A 197 13.58 -13.97 2.57
CA LEU A 197 13.56 -12.68 1.88
C LEU A 197 12.57 -12.75 0.69
N ASN A 198 12.05 -11.59 0.32
CA ASN A 198 11.40 -11.46 -0.99
C ASN A 198 12.48 -11.37 -2.09
N LEU A 199 13.01 -12.54 -2.46
CA LEU A 199 14.16 -12.63 -3.35
C LEU A 199 13.85 -12.11 -4.77
N VAL A 200 12.65 -12.32 -5.26
CA VAL A 200 12.24 -11.81 -6.57
C VAL A 200 12.25 -10.28 -6.64
N GLY A 201 11.62 -9.63 -5.66
CA GLY A 201 11.57 -8.18 -5.58
C GLY A 201 12.94 -7.51 -5.46
N ILE A 202 13.82 -8.06 -4.63
CA ILE A 202 15.11 -7.45 -4.42
C ILE A 202 16.08 -7.73 -5.60
N ARG A 203 15.92 -8.86 -6.30
CA ARG A 203 16.75 -9.14 -7.47
C ARG A 203 16.34 -8.28 -8.65
N ARG A 204 15.09 -7.83 -8.68
CA ARG A 204 14.63 -6.87 -9.68
CA ARG A 204 14.70 -6.88 -9.72
C ARG A 204 15.32 -5.51 -9.46
N ARG A 205 15.56 -5.16 -8.20
CA ARG A 205 15.93 -3.78 -7.90
C ARG A 205 17.40 -3.53 -7.56
N PHE A 206 18.07 -4.53 -6.99
CA PHE A 206 19.43 -4.36 -6.53
C PHE A 206 20.44 -5.28 -7.25
N ASP A 207 21.71 -5.03 -6.97
CA ASP A 207 22.79 -5.80 -7.57
C ASP A 207 23.07 -7.03 -6.71
N LYS A 208 23.73 -8.02 -7.31
CA LYS A 208 24.04 -9.31 -6.65
C LYS A 208 24.74 -9.11 -5.33
N ASP A 209 25.37 -7.96 -5.20
CA ASP A 209 26.15 -7.62 -4.03
CA ASP A 209 26.15 -7.63 -4.04
C ASP A 209 25.23 -7.18 -2.90
N GLU A 210 24.22 -6.35 -3.23
CA GLU A 210 23.25 -5.88 -2.22
C GLU A 210 22.38 -7.06 -1.81
N VAL A 211 21.94 -7.80 -2.82
CA VAL A 211 21.23 -9.03 -2.60
C VAL A 211 21.96 -9.89 -1.57
N ASP A 212 23.25 -10.13 -1.75
CA ASP A 212 23.97 -11.03 -0.84
C ASP A 212 24.07 -10.37 0.51
N ARG A 213 24.25 -9.07 0.53
CA ARG A 213 24.23 -8.34 1.79
CA ARG A 213 24.24 -8.36 1.80
C ARG A 213 22.86 -8.54 2.47
N LEU A 214 21.79 -8.47 1.71
CA LEU A 214 20.47 -8.68 2.31
C LEU A 214 20.29 -10.12 2.82
N SER A 215 20.88 -11.10 2.14
CA SER A 215 20.75 -12.50 2.55
C SER A 215 21.45 -12.78 3.83
N ARG A 216 22.66 -12.20 3.97
CA ARG A 216 23.45 -12.31 5.18
C ARG A 216 22.73 -11.63 6.30
N ALA A 217 22.30 -10.40 6.04
CA ALA A 217 21.50 -9.65 7.01
C ALA A 217 20.30 -10.47 7.45
N PHE A 218 19.57 -11.05 6.52
CA PHE A 218 18.43 -11.92 6.90
C PHE A 218 18.82 -13.04 7.86
N LYS A 219 19.81 -13.84 7.48
CA LYS A 219 20.29 -14.89 8.38
C LYS A 219 20.76 -14.33 9.73
N THR A 220 21.40 -13.16 9.72
CA THR A 220 21.97 -12.59 10.95
C THR A 220 20.83 -12.17 11.86
N LEU A 221 19.79 -11.59 11.28
CA LEU A 221 18.60 -11.22 12.05
C LEU A 221 17.75 -12.40 12.51
N PHE A 222 17.47 -13.35 11.63
CA PHE A 222 16.36 -14.30 11.87
C PHE A 222 16.74 -15.72 12.24
N ARG A 223 18.01 -16.09 12.11
CA ARG A 223 18.46 -17.50 12.32
CA ARG A 223 18.35 -17.50 12.29
C ARG A 223 18.17 -17.98 13.75
N GLN A 224 18.76 -17.26 14.71
CA GLN A 224 18.47 -17.46 16.13
CA GLN A 224 18.34 -17.43 16.11
C GLN A 224 18.57 -16.14 16.91
N GLY A 225 17.99 -16.11 18.11
CA GLY A 225 18.26 -15.02 19.05
C GLY A 225 17.20 -13.94 19.08
N ASP A 226 17.47 -12.94 19.91
CA ASP A 226 16.61 -11.80 20.11
C ASP A 226 16.73 -10.90 18.90
N LEU A 227 15.61 -10.71 18.21
CA LEU A 227 15.59 -9.92 16.99
C LEU A 227 16.05 -8.45 17.20
N LYS A 228 15.62 -7.82 18.29
CA LYS A 228 16.04 -6.42 18.56
C LYS A 228 17.56 -6.38 18.90
N GLU A 229 18.04 -7.31 19.71
CA GLU A 229 19.48 -7.42 20.03
C GLU A 229 20.29 -7.61 18.73
N ASN A 230 19.81 -8.51 17.88
CA ASN A 230 20.43 -8.77 16.60
C ASN A 230 20.38 -7.57 15.65
N ALA A 231 19.30 -6.80 15.67
CA ALA A 231 19.21 -5.61 14.78
C ALA A 231 20.17 -4.47 15.24
N LYS A 232 20.27 -4.24 16.53
CA LYS A 232 21.22 -3.23 17.02
CA LYS A 232 21.22 -3.26 17.05
C LYS A 232 22.65 -3.64 16.64
N ASN A 233 22.98 -4.92 16.85
CA ASN A 233 24.31 -5.39 16.50
C ASN A 233 24.56 -5.21 15.01
N LEU A 234 23.61 -5.62 14.19
CA LEU A 234 23.77 -5.49 12.76
C LEU A 234 23.91 -4.00 12.29
N LEU A 235 23.34 -3.04 13.04
CA LEU A 235 23.53 -1.60 12.75
C LEU A 235 24.97 -1.09 12.97
N GLU A 236 25.69 -1.71 13.91
CA GLU A 236 27.12 -1.48 14.12
C GLU A 236 27.86 -1.36 12.80
N ASN A 237 28.40 -0.17 12.53
CA ASN A 237 29.29 0.04 11.37
C ASN A 237 28.64 -0.32 10.01
N GLN A 238 27.32 -0.44 9.94
CA GLN A 238 26.66 -1.02 8.79
C GLN A 238 26.79 -0.13 7.54
N GLU A 239 27.20 -0.71 6.41
CA GLU A 239 27.40 0.02 5.13
C GLU A 239 26.12 0.25 4.29
N SER A 240 25.14 -0.65 4.43
CA SER A 240 23.94 -0.67 3.57
C SER A 240 22.77 0.05 4.21
N GLU A 241 22.23 1.02 3.50
CA GLU A 241 20.99 1.69 3.95
C GLU A 241 19.79 0.72 3.94
N ASN A 242 19.83 -0.33 3.11
CA ASN A 242 18.72 -1.31 3.04
C ASN A 242 18.71 -2.22 4.29
N VAL A 243 19.87 -2.66 4.74
CA VAL A 243 19.97 -3.43 5.98
C VAL A 243 19.59 -2.57 7.18
N LYS A 244 19.90 -1.27 7.10
CA LYS A 244 19.53 -0.31 8.15
C LYS A 244 18.02 -0.20 8.32
N LYS A 245 17.30 -0.08 7.21
CA LYS A 245 15.82 -0.02 7.25
C LYS A 245 15.22 -1.26 7.95
N CYS A 247 16.69 -3.06 10.19
CA CYS A 247 17.08 -3.02 11.59
C CYS A 247 16.27 -2.02 12.38
N HIS A 248 16.17 -0.79 11.84
CA HIS A 248 15.42 0.27 12.51
C HIS A 248 13.97 -0.12 12.57
N PHE A 249 13.47 -0.79 11.52
CA PHE A 249 12.06 -1.21 11.49
C PHE A 249 11.79 -2.21 12.63
N ILE A 250 12.72 -3.15 12.79
CA ILE A 250 12.59 -4.12 13.87
C ILE A 250 12.59 -3.38 15.20
N LEU A 251 13.44 -2.37 15.33
CA LEU A 251 13.57 -1.68 16.65
C LEU A 251 12.32 -0.86 16.95
N GLU A 252 11.74 -0.32 15.89
CA GLU A 252 10.59 0.55 16.00
C GLU A 252 9.25 -0.17 16.04
N THR A 253 9.24 -1.50 15.90
CA THR A 253 7.99 -2.28 15.72
C THR A 253 7.01 -2.10 16.85
N LYS A 254 5.76 -1.87 16.47
CA LYS A 254 4.70 -1.66 17.44
C LYS A 254 3.79 -2.88 17.60
N ARG A 255 3.67 -3.71 16.56
CA ARG A 255 2.87 -4.94 16.67
C ARG A 255 3.69 -6.25 16.80
N GLY A 256 5.02 -6.12 16.72
CA GLY A 256 5.94 -7.26 16.76
C GLY A 256 6.10 -7.87 15.36
N ILE A 257 7.08 -8.76 15.23
CA ILE A 257 7.41 -9.42 13.97
C ILE A 257 7.13 -10.93 14.06
N PRO A 258 6.29 -11.47 13.15
CA PRO A 258 5.99 -12.91 13.12
C PRO A 258 7.08 -13.70 12.35
N VAL A 259 7.62 -14.75 12.95
CA VAL A 259 8.71 -15.48 12.32
C VAL A 259 8.42 -16.96 12.38
N TYR A 260 8.76 -17.67 11.31
CA TYR A 260 8.33 -19.04 11.13
C TYR A 260 9.35 -20.02 11.69
N ARG A 261 8.86 -21.03 12.43
CA ARG A 261 9.62 -22.24 12.75
C ARG A 261 8.71 -23.48 12.70
#